data_3PMP
#
_entry.id   3PMP
#
_cell.length_a   104.028
_cell.length_b   104.028
_cell.length_c   61.305
_cell.angle_alpha   90.00
_cell.angle_beta   90.00
_cell.angle_gamma   90.00
#
_symmetry.space_group_name_H-M   'P 4 21 2'
#
loop_
_entity.id
_entity.type
_entity.pdbx_description
1 polymer 'Cyclophilin A'
2 polymer 'CYCLOSPORIN A'
3 water water
#
loop_
_entity_poly.entity_id
_entity_poly.type
_entity_poly.pdbx_seq_one_letter_code
_entity_poly.pdbx_strand_id
1 'polypeptide(L)'
;AMANVFFNISINDKPEGRIVFKLYDEAVPKTAKNFRELATGQHGFGYKDSIFHRVIPQFMLQGGDFTRHNGTGGKSIYGE
KFADENFQVKHTKPGLLSMANAGANTNGSQFFITTVPTSWLDGKHVVFGEVIEGLDIVRKVEGKGSASGKTNATIKITDC
GTVA
;
A,B
2 'polypeptide(L)' (DAL)(MLE)(MLE)(MVA)(BMT)(ABA)(SAR)(MLE)V(MLE)A C,D
#
# COMPACT_ATOMS: atom_id res chain seq x y z
N ALA A 1 7.47 -26.64 0.11
CA ALA A 1 7.87 -26.13 -1.21
C ALA A 1 6.79 -25.22 -1.74
N MET A 2 5.83 -24.88 -0.89
CA MET A 2 4.79 -23.96 -1.30
C MET A 2 3.97 -23.28 -0.22
N ALA A 3 4.06 -23.70 1.04
CA ALA A 3 3.20 -23.07 2.05
C ALA A 3 3.62 -21.64 2.32
N ASN A 4 2.62 -20.77 2.53
CA ASN A 4 2.90 -19.42 2.98
C ASN A 4 3.57 -19.40 4.35
N VAL A 5 4.28 -18.32 4.63
CA VAL A 5 5.05 -18.20 5.86
C VAL A 5 4.43 -17.10 6.74
N PHE A 6 4.46 -17.31 8.04
CA PHE A 6 4.00 -16.27 8.98
C PHE A 6 5.11 -15.88 9.96
N PHE A 7 5.06 -14.62 10.40
CA PHE A 7 5.77 -14.10 11.57
C PHE A 7 4.73 -13.55 12.55
N ASN A 8 4.82 -13.93 13.82
CA ASN A 8 4.11 -13.18 14.86
C ASN A 8 5.08 -12.11 15.35
N ILE A 9 4.61 -10.88 15.47
CA ILE A 9 5.47 -9.77 15.82
C ILE A 9 5.09 -9.15 17.15
N SER A 10 6.05 -8.93 18.05
CA SER A 10 5.81 -8.07 19.21
CA SER A 10 5.83 -8.08 19.23
C SER A 10 6.68 -6.81 19.16
N ILE A 11 6.17 -5.75 19.77
CA ILE A 11 6.88 -4.50 19.90
C ILE A 11 6.97 -4.15 21.36
N ASN A 12 8.19 -4.14 21.90
CA ASN A 12 8.40 -4.06 23.35
C ASN A 12 7.54 -5.06 24.09
N ASP A 13 7.52 -6.28 23.56
CA ASP A 13 6.79 -7.41 24.13
C ASP A 13 5.28 -7.37 24.04
N LYS A 14 4.73 -6.35 23.38
CA LYS A 14 3.30 -6.33 23.12
C LYS A 14 3.02 -7.04 21.78
N PRO A 15 2.22 -8.12 21.79
CA PRO A 15 1.90 -8.78 20.52
C PRO A 15 1.11 -7.85 19.63
N GLU A 16 1.51 -7.77 18.38
CA GLU A 16 0.85 -6.92 17.42
C GLU A 16 0.08 -7.75 16.34
N GLY A 17 0.30 -9.05 16.34
CA GLY A 17 -0.39 -9.94 15.42
C GLY A 17 0.56 -10.57 14.42
N ARG A 18 -0.02 -11.07 13.33
CA ARG A 18 0.71 -11.91 12.39
C ARG A 18 0.87 -11.25 11.01
N ILE A 19 2.08 -11.34 10.48
CA ILE A 19 2.35 -11.03 9.06
C ILE A 19 2.40 -12.35 8.31
N VAL A 20 1.76 -12.43 7.15
CA VAL A 20 1.82 -13.62 6.30
C VAL A 20 2.42 -13.23 4.96
N PHE A 21 3.33 -14.08 4.47
CA PHE A 21 4.00 -13.86 3.19
C PHE A 21 3.70 -14.99 2.21
N LYS A 22 3.52 -14.62 0.93
CA LYS A 22 3.53 -15.56 -0.17
C LYS A 22 4.92 -15.45 -0.76
N LEU A 23 5.58 -16.59 -0.94
CA LEU A 23 6.91 -16.58 -1.54
C LEU A 23 6.82 -16.92 -3.02
N TYR A 24 7.79 -16.40 -3.77
CA TYR A 24 7.78 -16.62 -5.23
C TYR A 24 8.62 -17.84 -5.60
N ASP A 25 8.17 -19.01 -5.17
CA ASP A 25 8.91 -20.25 -5.43
C ASP A 25 9.07 -20.54 -6.90
N GLU A 26 8.17 -20.05 -7.74
CA GLU A 26 8.28 -20.30 -9.19
C GLU A 26 9.29 -19.42 -9.87
N ALA A 27 9.75 -18.39 -9.17
CA ALA A 27 10.77 -17.46 -9.73
C ALA A 27 12.13 -17.67 -9.11
N VAL A 28 12.12 -17.97 -7.80
CA VAL A 28 13.36 -18.09 -7.05
C VAL A 28 13.22 -19.23 -6.01
N PRO A 29 13.21 -20.47 -6.48
CA PRO A 29 12.93 -21.60 -5.56
C PRO A 29 14.02 -21.75 -4.50
N LYS A 30 15.27 -21.51 -4.84
CA LYS A 30 16.32 -21.73 -3.82
C LYS A 30 16.25 -20.67 -2.72
N THR A 31 15.96 -19.44 -3.13
CA THR A 31 15.88 -18.30 -2.17
C THR A 31 14.62 -18.44 -1.29
N ALA A 32 13.51 -18.82 -1.91
CA ALA A 32 12.28 -19.01 -1.16
C ALA A 32 12.41 -20.16 -0.14
N LYS A 33 13.04 -21.27 -0.57
CA LYS A 33 13.24 -22.41 0.33
C LYS A 33 14.05 -21.99 1.56
N ASN A 34 15.09 -21.18 1.35
CA ASN A 34 15.90 -20.71 2.46
C ASN A 34 15.05 -19.96 3.49
N PHE A 35 14.28 -18.99 3.03
CA PHE A 35 13.50 -18.19 3.96
C PHE A 35 12.43 -19.04 4.65
N ARG A 36 11.73 -19.90 3.90
CA ARG A 36 10.71 -20.74 4.50
C ARG A 36 11.31 -21.64 5.59
N GLU A 37 12.46 -22.24 5.31
CA GLU A 37 13.00 -23.22 6.26
C GLU A 37 13.69 -22.53 7.44
N LEU A 38 14.20 -21.32 7.25
CA LEU A 38 14.60 -20.50 8.42
C LEU A 38 13.38 -20.10 9.27
N ALA A 39 12.24 -19.88 8.63
CA ALA A 39 11.05 -19.54 9.40
C ALA A 39 10.50 -20.78 10.17
N THR A 40 10.51 -21.95 9.54
CA THR A 40 10.04 -23.14 10.28
C THR A 40 11.04 -23.55 11.37
N GLY A 41 12.30 -23.13 11.24
CA GLY A 41 13.33 -23.57 12.17
C GLY A 41 13.68 -25.04 12.04
N GLN A 42 13.34 -25.66 10.92
CA GLN A 42 13.58 -27.09 10.79
C GLN A 42 15.03 -27.56 10.88
N HIS A 43 15.98 -26.64 10.65
CA HIS A 43 17.39 -27.03 10.75
C HIS A 43 17.95 -26.77 12.14
N GLY A 44 17.08 -26.36 13.08
CA GLY A 44 17.50 -26.16 14.44
C GLY A 44 17.76 -24.72 14.81
N PHE A 45 17.71 -23.83 13.79
CA PHE A 45 17.98 -22.42 13.98
C PHE A 45 17.12 -21.66 12.96
N GLY A 46 17.07 -20.35 13.12
CA GLY A 46 16.29 -19.52 12.22
C GLY A 46 15.72 -18.30 12.86
N TYR A 47 14.59 -17.85 12.31
CA TYR A 47 14.10 -16.53 12.63
C TYR A 47 13.36 -16.43 13.95
N LYS A 48 12.98 -17.56 14.55
CA LYS A 48 12.20 -17.41 15.78
C LYS A 48 13.08 -16.73 16.84
N ASP A 49 12.49 -15.75 17.53
CA ASP A 49 13.17 -14.92 18.56
C ASP A 49 14.19 -13.93 18.00
N SER A 50 14.24 -13.73 16.70
CA SER A 50 15.15 -12.72 16.17
C SER A 50 14.48 -11.36 16.14
N ILE A 51 15.24 -10.31 15.79
CA ILE A 51 14.69 -8.96 15.81
C ILE A 51 14.88 -8.25 14.48
N PHE A 52 14.13 -7.17 14.29
CA PHE A 52 14.42 -6.28 13.18
C PHE A 52 15.38 -5.22 13.68
N HIS A 53 16.61 -5.22 13.16
CA HIS A 53 17.62 -4.37 13.75
C HIS A 53 17.80 -3.05 13.05
N ARG A 54 17.16 -2.87 11.90
CA ARG A 54 17.42 -1.64 11.14
C ARG A 54 16.11 -1.33 10.42
N VAL A 55 15.44 -0.26 10.84
CA VAL A 55 14.10 0.05 10.30
C VAL A 55 14.15 1.52 9.88
N ILE A 56 13.91 1.80 8.60
CA ILE A 56 14.03 3.15 8.08
C ILE A 56 12.72 3.59 7.48
N PRO A 57 12.03 4.57 8.11
CA PRO A 57 10.73 5.02 7.59
C PRO A 57 10.82 5.49 6.16
N GLN A 58 9.80 5.15 5.38
CA GLN A 58 9.72 5.47 3.95
C GLN A 58 10.75 4.67 3.13
N PHE A 59 11.26 3.58 3.70
CA PHE A 59 12.18 2.75 2.94
C PHE A 59 11.91 1.25 3.20
N MET A 60 12.29 0.73 4.36
CA MET A 60 12.20 -0.73 4.58
C MET A 60 12.47 -1.10 6.02
N LEU A 61 12.13 -2.34 6.34
CA LEU A 61 12.42 -3.03 7.61
C LEU A 61 13.46 -4.08 7.30
N GLN A 62 14.58 -4.08 8.04
CA GLN A 62 15.61 -5.09 7.83
C GLN A 62 15.76 -6.00 9.04
N GLY A 63 15.72 -7.30 8.80
CA GLY A 63 15.88 -8.26 9.86
C GLY A 63 16.57 -9.51 9.41
N GLY A 64 16.42 -10.58 10.20
CA GLY A 64 16.97 -11.86 9.80
C GLY A 64 18.37 -12.18 10.31
N ASP A 65 18.99 -11.28 11.07
CA ASP A 65 20.34 -11.54 11.59
C ASP A 65 20.12 -12.25 12.93
N PHE A 66 19.90 -13.56 12.85
CA PHE A 66 19.65 -14.34 14.07
C PHE A 66 20.90 -14.82 14.80
N THR A 67 22.07 -14.50 14.29
CA THR A 67 23.30 -14.85 14.98
C THR A 67 23.91 -13.64 15.72
N ARG A 68 23.80 -12.44 15.16
CA ARG A 68 24.45 -11.29 15.79
C ARG A 68 23.52 -10.13 16.01
N HIS A 69 22.29 -10.24 15.49
CA HIS A 69 21.24 -9.25 15.68
C HIS A 69 21.61 -7.79 15.44
N ASN A 70 22.55 -7.55 14.52
CA ASN A 70 23.01 -6.17 14.27
C ASN A 70 23.41 -5.88 12.83
N GLY A 71 23.21 -6.87 11.94
CA GLY A 71 23.60 -6.70 10.55
C GLY A 71 24.89 -7.38 10.19
N THR A 72 25.65 -7.86 11.17
CA THR A 72 26.95 -8.46 10.86
C THR A 72 26.85 -9.98 10.71
N GLY A 73 25.66 -10.55 10.93
CA GLY A 73 25.53 -12.00 10.94
C GLY A 73 24.47 -12.63 10.08
N GLY A 74 24.04 -13.80 10.54
CA GLY A 74 23.08 -14.59 9.80
C GLY A 74 23.78 -15.63 8.95
N LYS A 75 23.03 -16.66 8.60
CA LYS A 75 23.52 -17.75 7.78
C LYS A 75 22.32 -18.39 7.09
N SER A 76 22.58 -18.98 5.93
CA SER A 76 21.52 -19.63 5.16
C SER A 76 21.49 -21.14 5.42
N ILE A 77 20.44 -21.78 4.92
CA ILE A 77 20.36 -23.23 5.06
C ILE A 77 21.38 -23.96 4.20
N TYR A 78 22.07 -23.22 3.30
CA TYR A 78 23.07 -23.76 2.37
C TYR A 78 24.48 -23.47 2.83
N GLY A 79 24.58 -22.72 3.94
CA GLY A 79 25.87 -22.35 4.50
C GLY A 79 25.96 -20.86 4.73
N GLU A 80 27.17 -20.35 4.98
CA GLU A 80 27.23 -18.94 5.40
C GLU A 80 26.80 -17.96 4.31
N LYS A 81 26.95 -18.35 3.05
CA LYS A 81 26.33 -17.58 1.99
C LYS A 81 25.97 -18.42 0.79
N PHE A 82 25.09 -17.87 -0.04
CA PHE A 82 24.76 -18.52 -1.28
C PHE A 82 24.55 -17.50 -2.40
N ALA A 83 24.58 -18.00 -3.63
CA ALA A 83 24.55 -17.13 -4.81
C ALA A 83 23.23 -16.37 -4.98
N ASP A 84 23.34 -15.23 -5.65
CA ASP A 84 22.17 -14.52 -6.17
C ASP A 84 21.51 -15.40 -7.21
N GLU A 85 20.27 -15.77 -6.95
CA GLU A 85 19.62 -16.78 -7.77
C GLU A 85 19.21 -16.18 -9.11
N ASN A 86 18.54 -15.03 -9.05
CA ASN A 86 18.35 -14.18 -10.22
C ASN A 86 17.68 -12.91 -9.75
N PHE A 87 17.49 -12.00 -10.69
CA PHE A 87 16.93 -10.71 -10.32
C PHE A 87 15.65 -10.43 -11.09
N GLN A 88 14.96 -11.50 -11.52
CA GLN A 88 13.85 -11.25 -12.38
C GLN A 88 12.70 -10.42 -11.77
N VAL A 89 12.40 -10.60 -10.48
CA VAL A 89 11.32 -9.83 -9.86
C VAL A 89 11.88 -8.49 -9.35
N LYS A 90 11.19 -7.40 -9.66
CA LYS A 90 11.68 -6.02 -9.34
C LYS A 90 11.01 -5.46 -8.09
N HIS A 91 11.57 -4.39 -7.54
CA HIS A 91 11.10 -3.84 -6.28
C HIS A 91 10.03 -2.79 -6.58
N THR A 92 8.86 -3.29 -6.98
CA THR A 92 7.87 -2.40 -7.61
C THR A 92 6.86 -1.76 -6.67
N LYS A 93 6.74 -2.30 -5.46
CA LYS A 93 5.59 -1.94 -4.58
C LYS A 93 5.97 -2.16 -3.11
N PRO A 94 5.25 -1.56 -2.17
CA PRO A 94 5.40 -1.89 -0.76
C PRO A 94 5.12 -3.35 -0.46
N GLY A 95 5.73 -3.85 0.61
CA GLY A 95 5.41 -5.18 1.09
C GLY A 95 6.19 -6.30 0.42
N LEU A 96 7.25 -5.95 -0.31
CA LEU A 96 8.08 -7.01 -0.94
C LEU A 96 9.18 -7.50 -0.02
N LEU A 97 9.39 -8.82 -0.06
CA LEU A 97 10.55 -9.42 0.61
C LEU A 97 11.72 -9.49 -0.36
N SER A 98 12.91 -9.06 0.08
CA SER A 98 14.10 -9.07 -0.74
C SER A 98 15.30 -9.37 0.13
N MET A 99 16.33 -9.93 -0.46
CA MET A 99 17.49 -10.31 0.34
C MET A 99 18.45 -9.15 0.53
N ALA A 100 18.86 -8.92 1.79
CA ALA A 100 19.99 -8.01 2.08
C ALA A 100 21.27 -8.76 1.70
N ASN A 101 22.33 -8.04 1.36
CA ASN A 101 23.60 -8.73 1.08
C ASN A 101 24.78 -7.81 1.35
N ALA A 102 25.98 -8.36 1.17
CA ALA A 102 27.21 -7.59 1.27
C ALA A 102 27.99 -7.71 -0.02
N GLY A 103 27.26 -7.51 -1.12
CA GLY A 103 27.84 -7.54 -2.46
C GLY A 103 27.37 -8.79 -3.15
N ALA A 104 27.91 -9.06 -4.31
CA ALA A 104 27.41 -10.17 -5.13
C ALA A 104 27.60 -11.53 -4.41
N ASN A 105 26.58 -12.36 -4.53
CA ASN A 105 26.60 -13.73 -4.03
C ASN A 105 26.98 -13.83 -2.56
N THR A 106 26.32 -13.01 -1.73
CA THR A 106 26.57 -13.06 -0.28
C THR A 106 25.25 -13.13 0.47
N ASN A 107 24.27 -13.77 -0.14
CA ASN A 107 23.02 -14.00 0.59
C ASN A 107 23.18 -14.93 1.78
N GLY A 108 22.53 -14.60 2.90
CA GLY A 108 22.61 -15.49 4.08
C GLY A 108 21.22 -15.67 4.62
N SER A 109 20.91 -14.99 5.71
CA SER A 109 19.55 -15.00 6.24
C SER A 109 18.91 -13.61 6.34
N GLN A 110 19.69 -12.54 6.22
CA GLN A 110 19.09 -11.21 6.39
C GLN A 110 18.25 -10.83 5.17
N PHE A 111 17.12 -10.17 5.45
CA PHE A 111 16.15 -9.80 4.41
C PHE A 111 15.61 -8.45 4.76
N PHE A 112 14.87 -7.85 3.83
CA PHE A 112 14.10 -6.66 4.15
C PHE A 112 12.71 -6.76 3.58
N ILE A 113 11.83 -5.99 4.20
CA ILE A 113 10.45 -5.85 3.70
C ILE A 113 10.31 -4.38 3.30
N THR A 114 10.02 -4.13 2.04
CA THR A 114 9.92 -2.74 1.57
C THR A 114 8.63 -2.08 2.06
N THR A 115 8.67 -0.76 2.29
CA THR A 115 7.45 -0.01 2.52
C THR A 115 7.11 0.98 1.40
N VAL A 116 7.99 1.07 0.41
CA VAL A 116 7.83 1.87 -0.82
C VAL A 116 8.46 1.08 -1.98
N PRO A 117 8.21 1.48 -3.24
CA PRO A 117 8.98 0.91 -4.35
C PRO A 117 10.46 1.33 -4.14
N THR A 118 11.34 0.37 -4.38
CA THR A 118 12.79 0.57 -4.20
C THR A 118 13.51 0.11 -5.47
N SER A 119 13.16 0.72 -6.62
CA SER A 119 13.66 0.25 -7.90
C SER A 119 15.18 0.37 -8.05
N TRP A 120 15.81 1.26 -7.29
CA TRP A 120 17.25 1.42 -7.38
C TRP A 120 18.00 0.18 -6.90
N LEU A 121 17.30 -0.74 -6.21
CA LEU A 121 17.89 -2.01 -5.75
C LEU A 121 17.71 -3.16 -6.77
N ASP A 122 16.95 -2.92 -7.82
CA ASP A 122 16.74 -3.93 -8.87
C ASP A 122 18.08 -4.38 -9.45
N GLY A 123 18.24 -5.68 -9.61
CA GLY A 123 19.46 -6.23 -10.17
C GLY A 123 20.58 -6.43 -9.18
N LYS A 124 20.39 -5.96 -7.94
CA LYS A 124 21.39 -6.15 -6.90
C LYS A 124 20.89 -6.97 -5.70
N HIS A 125 19.58 -6.93 -5.46
CA HIS A 125 18.96 -7.64 -4.33
C HIS A 125 17.89 -8.53 -4.90
N VAL A 126 17.91 -9.81 -4.50
CA VAL A 126 16.94 -10.78 -4.97
C VAL A 126 15.60 -10.66 -4.25
N VAL A 127 14.57 -10.33 -5.01
CA VAL A 127 13.19 -10.24 -4.51
C VAL A 127 12.55 -11.59 -4.53
N PHE A 128 11.92 -12.02 -3.43
CA PHE A 128 11.49 -13.42 -3.35
C PHE A 128 10.14 -13.66 -2.72
N GLY A 129 9.40 -12.61 -2.36
CA GLY A 129 8.01 -12.83 -1.91
C GLY A 129 7.32 -11.51 -1.59
N GLU A 130 6.12 -11.63 -1.04
CA GLU A 130 5.35 -10.43 -0.71
C GLU A 130 4.47 -10.68 0.49
N VAL A 131 4.24 -9.59 1.25
CA VAL A 131 3.25 -9.60 2.31
C VAL A 131 1.84 -9.75 1.71
N ILE A 132 1.06 -10.66 2.28
CA ILE A 132 -0.34 -10.84 1.89
C ILE A 132 -1.30 -10.59 3.04
N GLU A 133 -0.79 -10.54 4.26
CA GLU A 133 -1.60 -10.13 5.42
C GLU A 133 -0.66 -9.43 6.38
N GLY A 134 -1.19 -8.44 7.10
CA GLY A 134 -0.39 -7.74 8.09
C GLY A 134 0.49 -6.59 7.60
N LEU A 135 0.23 -6.01 6.43
CA LEU A 135 1.00 -4.84 6.06
C LEU A 135 0.77 -3.72 7.11
N ASP A 136 -0.40 -3.70 7.78
CA ASP A 136 -0.58 -2.76 8.86
C ASP A 136 0.49 -2.93 9.98
N ILE A 137 0.87 -4.17 10.28
CA ILE A 137 1.89 -4.41 11.29
C ILE A 137 3.22 -3.90 10.81
N VAL A 138 3.52 -4.14 9.53
CA VAL A 138 4.72 -3.57 8.88
C VAL A 138 4.78 -2.06 9.05
N ARG A 139 3.67 -1.37 8.80
CA ARG A 139 3.66 0.08 8.97
C ARG A 139 3.79 0.49 10.43
N LYS A 140 3.25 -0.28 11.36
CA LYS A 140 3.45 0.06 12.77
C LYS A 140 4.94 -0.06 13.17
N VAL A 141 5.57 -1.14 12.74
CA VAL A 141 6.99 -1.35 13.01
C VAL A 141 7.79 -0.20 12.37
N GLU A 142 7.43 0.16 11.15
CA GLU A 142 8.14 1.20 10.40
C GLU A 142 8.21 2.50 11.22
N GLY A 143 7.11 2.83 11.88
CA GLY A 143 7.03 4.03 12.70
C GLY A 143 7.93 4.00 13.93
N LYS A 144 8.42 2.82 14.30
CA LYS A 144 9.34 2.72 15.42
C LYS A 144 10.80 2.89 14.94
N GLY A 145 11.02 3.10 13.65
CA GLY A 145 12.37 3.28 13.12
C GLY A 145 12.83 4.72 13.08
N SER A 146 13.90 4.96 12.32
CA SER A 146 14.45 6.29 12.21
C SER A 146 15.36 6.33 10.99
N ALA A 147 15.79 7.52 10.60
CA ALA A 147 16.69 7.66 9.44
C ALA A 147 17.99 6.84 9.54
N SER A 148 18.51 6.70 10.74
CA SER A 148 19.72 5.94 10.91
C SER A 148 19.41 4.45 10.92
N GLY A 149 18.12 4.10 11.06
CA GLY A 149 17.75 2.69 11.20
C GLY A 149 17.57 2.23 12.62
N LYS A 150 18.02 3.04 13.59
CA LYS A 150 17.86 2.63 14.97
C LYS A 150 16.36 2.64 15.34
N THR A 151 15.92 1.61 16.05
CA THR A 151 14.54 1.51 16.52
C THR A 151 14.39 2.03 17.96
N ASN A 152 13.23 2.58 18.29
CA ASN A 152 13.04 2.97 19.69
C ASN A 152 12.19 1.99 20.50
N ALA A 153 12.08 0.76 20.01
CA ALA A 153 11.41 -0.31 20.72
C ALA A 153 11.96 -1.59 20.15
N THR A 154 11.96 -2.66 20.92
CA THR A 154 12.42 -3.92 20.37
C THR A 154 11.35 -4.55 19.52
N ILE A 155 11.67 -4.84 18.27
CA ILE A 155 10.76 -5.49 17.35
C ILE A 155 11.16 -6.95 17.17
N LYS A 156 10.37 -7.86 17.75
CA LYS A 156 10.72 -9.27 17.82
C LYS A 156 9.78 -10.16 17.01
N ILE A 157 10.36 -11.15 16.34
CA ILE A 157 9.61 -12.27 15.77
C ILE A 157 9.46 -13.32 16.89
N THR A 158 8.27 -13.42 17.47
CA THR A 158 8.05 -14.30 18.63
C THR A 158 7.71 -15.73 18.22
N ASP A 159 7.19 -15.90 17.02
CA ASP A 159 6.99 -17.24 16.47
C ASP A 159 6.97 -17.08 14.96
N CYS A 160 7.24 -18.17 14.24
CA CYS A 160 7.22 -18.08 12.80
C CYS A 160 7.18 -19.50 12.27
N GLY A 161 6.84 -19.64 10.99
CA GLY A 161 6.76 -20.96 10.40
C GLY A 161 5.85 -20.88 9.22
N THR A 162 5.26 -22.00 8.85
CA THR A 162 4.34 -22.03 7.73
C THR A 162 2.91 -22.04 8.23
N VAL A 163 2.01 -21.50 7.45
CA VAL A 163 0.59 -21.49 7.84
C VAL A 163 -0.10 -22.80 7.51
N ALA B 1 -0.42 21.13 -16.46
CA ALA B 1 -0.44 20.53 -15.12
C ALA B 1 -1.18 21.44 -14.13
N MET B 2 -0.81 21.37 -12.86
CA MET B 2 -1.44 22.17 -11.80
C MET B 2 -1.18 21.59 -10.40
N ALA B 3 -1.80 22.22 -9.41
CA ALA B 3 -1.52 21.94 -8.02
C ALA B 3 -2.20 20.68 -7.54
N ASN B 4 -1.54 19.99 -6.61
CA ASN B 4 -2.15 18.89 -5.93
C ASN B 4 -3.43 19.28 -5.20
N VAL B 5 -4.26 18.30 -4.96
CA VAL B 5 -5.57 18.52 -4.33
C VAL B 5 -5.64 17.86 -2.97
N PHE B 6 -6.28 18.55 -2.03
CA PHE B 6 -6.48 17.93 -0.70
C PHE B 6 -7.96 17.79 -0.39
N PHE B 7 -8.27 16.78 0.45
CA PHE B 7 -9.54 16.67 1.14
C PHE B 7 -9.23 16.62 2.64
N ASN B 8 -9.93 17.41 3.46
CA ASN B 8 -9.97 17.12 4.90
C ASN B 8 -11.13 16.19 5.16
N ILE B 9 -10.91 15.17 5.96
CA ILE B 9 -11.91 14.14 6.24
C ILE B 9 -12.34 14.12 7.69
N SER B 10 -13.66 14.12 7.94
CA SER B 10 -14.15 13.80 9.27
C SER B 10 -14.97 12.52 9.25
N ILE B 11 -14.97 11.82 10.39
CA ILE B 11 -15.80 10.62 10.55
C ILE B 11 -16.66 10.87 11.78
N ASN B 12 -17.97 10.89 11.56
CA ASN B 12 -18.88 11.32 12.63
C ASN B 12 -18.43 12.62 13.28
N ASP B 13 -18.04 13.56 12.41
CA ASP B 13 -17.61 14.91 12.76
C ASP B 13 -16.28 14.99 13.49
N LYS B 14 -15.61 13.84 13.67
CA LYS B 14 -14.27 13.86 14.27
C LYS B 14 -13.23 14.03 13.16
N PRO B 15 -12.40 15.08 13.25
CA PRO B 15 -11.42 15.34 12.21
C PRO B 15 -10.40 14.23 12.17
N GLU B 16 -10.11 13.77 10.94
CA GLU B 16 -9.19 12.64 10.75
C GLU B 16 -7.95 13.05 9.97
N GLY B 17 -7.93 14.27 9.45
CA GLY B 17 -6.79 14.78 8.71
C GLY B 17 -7.05 14.89 7.20
N ARG B 18 -5.97 15.08 6.46
CA ARG B 18 -5.97 15.36 5.01
C ARG B 18 -5.52 14.17 4.17
N ILE B 19 -6.20 13.99 3.05
CA ILE B 19 -5.72 13.15 1.98
C ILE B 19 -5.25 14.11 0.90
N VAL B 20 -4.07 13.89 0.34
CA VAL B 20 -3.56 14.70 -0.77
C VAL B 20 -3.40 13.85 -2.00
N PHE B 21 -3.89 14.36 -3.13
CA PHE B 21 -3.78 13.65 -4.42
C PHE B 21 -2.91 14.40 -5.41
N LYS B 22 -2.12 13.65 -6.17
CA LYS B 22 -1.44 14.19 -7.35
C LYS B 22 -2.29 13.74 -8.54
N LEU B 23 -2.67 14.69 -9.38
CA LEU B 23 -3.52 14.36 -10.55
C LEU B 23 -2.67 14.16 -11.76
N TYR B 24 -3.13 13.28 -12.66
CA TYR B 24 -2.39 13.05 -13.88
C TYR B 24 -2.75 14.01 -15.04
N ASP B 25 -2.46 15.30 -14.83
CA ASP B 25 -2.79 16.27 -15.86
C ASP B 25 -2.13 16.01 -17.19
N GLU B 26 -0.97 15.39 -17.22
CA GLU B 26 -0.34 15.10 -18.52
C GLU B 26 -0.96 13.93 -19.27
N ALA B 27 -1.79 13.15 -18.61
CA ALA B 27 -2.47 12.02 -19.26
C ALA B 27 -3.94 12.31 -19.53
N VAL B 28 -4.58 13.02 -18.59
CA VAL B 28 -6.06 13.27 -18.64
C VAL B 28 -6.34 14.67 -18.11
N PRO B 29 -5.95 15.69 -18.88
CA PRO B 29 -6.09 17.07 -18.40
C PRO B 29 -7.54 17.46 -18.21
N LYS B 30 -8.46 17.04 -19.07
CA LYS B 30 -9.85 17.43 -18.86
C LYS B 30 -10.44 16.84 -17.59
N THR B 31 -10.15 15.56 -17.34
CA THR B 31 -10.70 14.85 -16.20
C THR B 31 -10.03 15.40 -14.93
N ALA B 32 -8.72 15.66 -15.00
CA ALA B 32 -8.05 16.18 -13.81
C ALA B 32 -8.59 17.57 -13.47
N LYS B 33 -8.78 18.39 -14.50
CA LYS B 33 -9.28 19.77 -14.25
C LYS B 33 -10.67 19.70 -13.57
N ASN B 34 -11.54 18.80 -14.01
CA ASN B 34 -12.87 18.67 -13.40
C ASN B 34 -12.73 18.36 -11.91
N PHE B 35 -11.91 17.34 -11.57
CA PHE B 35 -11.81 16.99 -10.16
C PHE B 35 -11.21 18.14 -9.37
N ARG B 36 -10.12 18.75 -9.89
CA ARG B 36 -9.49 19.87 -9.16
C ARG B 36 -10.46 21.02 -8.90
N GLU B 37 -11.20 21.41 -9.93
CA GLU B 37 -12.08 22.59 -9.79
C GLU B 37 -13.36 22.30 -8.99
N LEU B 38 -13.81 21.04 -8.96
CA LEU B 38 -14.85 20.63 -8.01
C LEU B 38 -14.31 20.65 -6.56
N ALA B 39 -13.03 20.34 -6.39
CA ALA B 39 -12.44 20.45 -5.05
C ALA B 39 -12.29 21.91 -4.59
N THR B 40 -11.88 22.81 -5.47
CA THR B 40 -11.78 24.21 -5.10
C THR B 40 -13.17 24.85 -4.91
N GLY B 41 -14.18 24.31 -5.59
CA GLY B 41 -15.51 24.92 -5.55
C GLY B 41 -15.65 26.21 -6.37
N GLN B 42 -14.72 26.47 -7.29
CA GLN B 42 -14.66 27.74 -8.03
C GLN B 42 -15.78 27.94 -9.05
N HIS B 43 -16.61 26.92 -9.28
CA HIS B 43 -17.80 27.07 -10.12
C HIS B 43 -19.05 27.26 -9.29
N GLY B 44 -18.90 27.30 -7.95
CA GLY B 44 -20.06 27.48 -7.06
C GLY B 44 -20.70 26.18 -6.58
N PHE B 45 -20.05 25.06 -6.88
CA PHE B 45 -20.51 23.74 -6.44
C PHE B 45 -19.30 22.80 -6.40
N GLY B 46 -19.44 21.66 -5.74
CA GLY B 46 -18.30 20.78 -5.63
C GLY B 46 -18.31 19.90 -4.42
N TYR B 47 -17.10 19.41 -4.11
CA TYR B 47 -16.96 18.36 -3.12
C TYR B 47 -17.06 18.80 -1.66
N LYS B 48 -16.90 20.11 -1.36
CA LYS B 48 -16.97 20.52 0.05
C LYS B 48 -18.30 20.10 0.65
N ASP B 49 -18.23 19.44 1.81
CA ASP B 49 -19.38 18.92 2.55
C ASP B 49 -20.07 17.69 2.01
N SER B 50 -19.50 17.12 0.96
CA SER B 50 -20.03 15.88 0.42
C SER B 50 -19.51 14.70 1.24
N ILE B 51 -20.13 13.54 1.03
CA ILE B 51 -19.78 12.34 1.80
C ILE B 51 -19.34 11.20 0.91
N PHE B 52 -18.70 10.22 1.52
CA PHE B 52 -18.46 8.95 0.80
C PHE B 52 -19.64 8.02 1.06
N HIS B 53 -20.46 7.77 0.02
CA HIS B 53 -21.73 7.07 0.23
C HIS B 53 -21.64 5.55 0.05
N ARG B 54 -20.57 5.03 -0.52
CA ARG B 54 -20.45 3.60 -0.79
C ARG B 54 -19.00 3.21 -0.61
N VAL B 55 -18.72 2.41 0.41
CA VAL B 55 -17.32 2.09 0.79
C VAL B 55 -17.30 0.58 0.97
N ILE B 56 -16.48 -0.09 0.17
CA ILE B 56 -16.42 -1.55 0.15
C ILE B 56 -15.01 -2.02 0.50
N PRO B 57 -14.85 -2.66 1.68
CA PRO B 57 -13.51 -3.08 2.11
C PRO B 57 -12.90 -3.99 1.08
N GLN B 58 -11.59 -3.87 0.90
CA GLN B 58 -10.81 -4.65 -0.08
C GLN B 58 -11.17 -4.30 -1.54
N PHE B 59 -11.81 -3.14 -1.74
CA PHE B 59 -12.16 -2.72 -3.10
C PHE B 59 -11.91 -1.19 -3.24
N MET B 60 -12.81 -0.36 -2.75
CA MET B 60 -12.69 1.06 -3.00
C MET B 60 -13.61 1.89 -2.10
N LEU B 61 -13.36 3.20 -2.10
CA LEU B 61 -14.21 4.23 -1.51
C LEU B 61 -14.83 5.01 -2.64
N GLN B 62 -16.14 5.15 -2.65
CA GLN B 62 -16.82 5.94 -3.68
C GLN B 62 -17.48 7.19 -3.06
N GLY B 63 -17.26 8.31 -3.72
CA GLY B 63 -17.80 9.56 -3.27
C GLY B 63 -18.07 10.51 -4.42
N GLY B 64 -18.23 11.78 -4.09
CA GLY B 64 -18.42 12.81 -5.14
C GLY B 64 -19.85 13.14 -5.54
N ASP B 65 -20.83 12.44 -4.96
CA ASP B 65 -22.23 12.76 -5.27
C ASP B 65 -22.72 13.90 -4.41
N PHE B 66 -22.39 15.11 -4.83
CA PHE B 66 -22.68 16.28 -3.99
C PHE B 66 -24.09 16.82 -4.25
N THR B 67 -24.83 16.20 -5.15
CA THR B 67 -26.23 16.63 -5.33
C THR B 67 -27.26 15.72 -4.63
N ARG B 68 -26.98 14.42 -4.57
CA ARG B 68 -27.97 13.50 -4.01
C ARG B 68 -27.38 12.60 -2.91
N HIS B 69 -26.06 12.66 -2.73
CA HIS B 69 -25.34 11.90 -1.71
C HIS B 69 -25.68 10.43 -1.61
N ASN B 70 -26.00 9.81 -2.74
CA ASN B 70 -26.36 8.39 -2.70
C ASN B 70 -25.99 7.61 -3.97
N GLY B 71 -25.27 8.23 -4.91
CA GLY B 71 -24.91 7.52 -6.15
C GLY B 71 -25.76 7.93 -7.35
N THR B 72 -26.84 8.65 -7.10
CA THR B 72 -27.74 9.03 -8.22
C THR B 72 -27.46 10.40 -8.80
N GLY B 73 -26.48 11.11 -8.25
CA GLY B 73 -26.24 12.47 -8.68
C GLY B 73 -24.80 12.86 -8.99
N GLY B 74 -24.57 14.17 -8.79
CA GLY B 74 -23.33 14.81 -9.20
C GLY B 74 -23.39 15.37 -10.61
N LYS B 75 -22.47 16.27 -10.89
CA LYS B 75 -22.34 16.89 -12.20
C LYS B 75 -20.89 17.37 -12.31
N SER B 76 -20.46 17.52 -13.55
CA SER B 76 -19.12 17.99 -13.84
C SER B 76 -19.06 19.47 -14.08
N ILE B 77 -17.85 20.02 -14.12
CA ILE B 77 -17.71 21.45 -14.43
C ILE B 77 -18.11 21.76 -15.89
N TYR B 78 -18.26 20.70 -16.72
CA TYR B 78 -18.57 20.85 -18.16
C TYR B 78 -20.04 20.60 -18.44
N GLY B 79 -20.82 20.21 -17.40
CA GLY B 79 -22.21 19.88 -17.61
C GLY B 79 -22.55 18.60 -16.88
N GLU B 80 -23.78 18.12 -17.08
CA GLU B 80 -24.22 16.94 -16.36
C GLU B 80 -23.29 15.77 -16.58
N LYS B 81 -22.79 15.63 -17.81
CA LYS B 81 -21.84 14.54 -18.07
C LYS B 81 -20.81 14.97 -19.09
N PHE B 82 -19.66 14.28 -19.07
CA PHE B 82 -18.64 14.50 -20.10
C PHE B 82 -18.00 13.19 -20.55
N ALA B 83 -17.33 13.24 -21.70
CA ALA B 83 -16.84 12.03 -22.34
C ALA B 83 -15.71 11.36 -21.54
N ASP B 84 -15.58 10.05 -21.75
CA ASP B 84 -14.36 9.35 -21.31
C ASP B 84 -13.18 9.89 -22.08
N GLU B 85 -12.23 10.46 -21.33
CA GLU B 85 -11.14 11.21 -21.98
C GLU B 85 -10.18 10.24 -22.67
N ASN B 86 -9.73 9.24 -21.91
CA ASN B 86 -9.03 8.09 -22.49
C ASN B 86 -8.86 7.12 -21.33
N PHE B 87 -8.24 5.98 -21.61
CA PHE B 87 -8.11 4.95 -20.60
C PHE B 87 -6.66 4.54 -20.46
N GLN B 88 -5.74 5.47 -20.72
CA GLN B 88 -4.39 5.04 -20.76
C GLN B 88 -3.80 4.59 -19.41
N VAL B 89 -4.19 5.23 -18.32
CA VAL B 89 -3.67 4.84 -17.02
C VAL B 89 -4.52 3.69 -16.45
N LYS B 90 -3.86 2.62 -16.02
CA LYS B 90 -4.58 1.45 -15.54
C LYS B 90 -4.70 1.41 -14.04
N HIS B 91 -5.61 0.55 -13.54
CA HIS B 91 -5.89 0.47 -12.13
C HIS B 91 -4.90 -0.50 -11.43
N THR B 92 -3.64 -0.08 -11.33
CA THR B 92 -2.59 -1.01 -10.98
C THR B 92 -2.25 -1.18 -9.51
N LYS B 93 -2.71 -0.27 -8.64
CA LYS B 93 -2.24 -0.22 -7.25
C LYS B 93 -3.28 0.49 -6.38
N PRO B 94 -3.22 0.32 -5.05
CA PRO B 94 -4.06 1.07 -4.11
C PRO B 94 -3.85 2.57 -4.24
N GLY B 95 -4.87 3.34 -3.86
CA GLY B 95 -4.71 4.80 -3.78
C GLY B 95 -4.91 5.49 -5.13
N LEU B 96 -5.48 4.81 -6.12
CA LEU B 96 -5.73 5.52 -7.39
C LEU B 96 -7.09 6.19 -7.37
N LEU B 97 -7.15 7.34 -8.01
CA LEU B 97 -8.40 8.04 -8.28
C LEU B 97 -8.89 7.66 -9.65
N SER B 98 -10.18 7.33 -9.72
CA SER B 98 -10.78 6.91 -11.00
C SER B 98 -12.22 7.35 -11.07
N MET B 99 -12.73 7.60 -12.27
CA MET B 99 -14.11 8.12 -12.35
C MET B 99 -15.15 6.99 -12.24
N ALA B 100 -16.15 7.17 -11.37
CA ALA B 100 -17.34 6.33 -11.45
C ALA B 100 -18.17 6.74 -12.68
N ASN B 101 -18.98 5.85 -13.24
CA ASN B 101 -19.83 6.29 -14.35
C ASN B 101 -21.07 5.42 -14.45
N ALA B 102 -21.98 5.75 -15.36
CA ALA B 102 -23.15 4.89 -15.61
C ALA B 102 -23.13 4.45 -17.07
N GLY B 103 -21.99 3.96 -17.53
CA GLY B 103 -21.78 3.58 -18.92
C GLY B 103 -20.92 4.59 -19.66
N ALA B 104 -20.75 4.37 -20.95
CA ALA B 104 -19.80 5.18 -21.69
C ALA B 104 -20.17 6.66 -21.68
N ASN B 105 -19.16 7.50 -21.48
CA ASN B 105 -19.31 8.97 -21.61
C ASN B 105 -20.36 9.52 -20.67
N THR B 106 -20.32 9.07 -19.41
CA THR B 106 -21.27 9.57 -18.42
C THR B 106 -20.53 10.05 -17.17
N ASN B 107 -19.33 10.56 -17.35
CA ASN B 107 -18.59 11.08 -16.21
C ASN B 107 -19.23 12.36 -15.67
N GLY B 108 -19.34 12.49 -14.36
CA GLY B 108 -19.91 13.70 -13.77
C GLY B 108 -18.96 14.21 -12.70
N SER B 109 -19.30 13.96 -11.45
CA SER B 109 -18.41 14.23 -10.34
C SER B 109 -18.07 13.01 -9.49
N GLN B 110 -18.79 11.90 -9.62
CA GLN B 110 -18.53 10.79 -8.69
C GLN B 110 -17.21 10.14 -9.09
N PHE B 111 -16.47 9.70 -8.07
CA PHE B 111 -15.15 9.13 -8.28
C PHE B 111 -14.95 8.06 -7.22
N PHE B 112 -13.93 7.26 -7.44
CA PHE B 112 -13.52 6.31 -6.39
C PHE B 112 -12.02 6.36 -6.13
N ILE B 113 -11.65 5.91 -4.92
CA ILE B 113 -10.26 5.76 -4.51
C ILE B 113 -10.07 4.27 -4.27
N THR B 114 -9.20 3.62 -5.02
CA THR B 114 -9.00 2.18 -4.86
C THR B 114 -8.22 1.84 -3.61
N THR B 115 -8.49 0.68 -3.03
CA THR B 115 -7.61 0.24 -1.93
C THR B 115 -6.85 -1.03 -2.31
N VAL B 116 -7.12 -1.55 -3.50
CA VAL B 116 -6.44 -2.69 -4.10
C VAL B 116 -6.31 -2.40 -5.60
N PRO B 117 -5.46 -3.17 -6.32
CA PRO B 117 -5.52 -3.08 -7.80
C PRO B 117 -6.94 -3.50 -8.28
N THR B 118 -7.48 -2.81 -9.27
CA THR B 118 -8.82 -3.15 -9.75
C THR B 118 -8.76 -3.19 -11.27
N SER B 119 -7.89 -4.06 -11.80
CA SER B 119 -7.62 -4.06 -13.20
C SER B 119 -8.84 -4.41 -14.10
N TRP B 120 -9.82 -5.09 -13.52
CA TRP B 120 -11.05 -5.43 -14.25
C TRP B 120 -11.79 -4.19 -14.67
N LEU B 121 -11.47 -3.03 -14.12
CA LEU B 121 -12.13 -1.77 -14.50
C LEU B 121 -11.36 -1.04 -15.62
N ASP B 122 -10.17 -1.56 -15.99
CA ASP B 122 -9.37 -0.96 -17.03
C ASP B 122 -10.19 -0.83 -18.32
N GLY B 123 -10.10 0.33 -18.98
CA GLY B 123 -10.80 0.52 -20.26
C GLY B 123 -12.25 0.92 -20.13
N LYS B 124 -12.77 0.96 -18.88
CA LYS B 124 -14.15 1.42 -18.70
C LYS B 124 -14.25 2.60 -17.71
N HIS B 125 -13.25 2.79 -16.85
CA HIS B 125 -13.21 3.89 -15.88
C HIS B 125 -11.92 4.63 -16.09
N VAL B 126 -12.03 5.95 -16.18
CA VAL B 126 -10.87 6.81 -16.40
C VAL B 126 -10.12 7.03 -15.13
N VAL B 127 -8.85 6.54 -15.07
CA VAL B 127 -7.98 6.77 -13.91
C VAL B 127 -7.31 8.12 -14.08
N PHE B 128 -7.30 8.97 -13.03
CA PHE B 128 -6.79 10.32 -13.24
C PHE B 128 -5.90 10.88 -12.12
N GLY B 129 -5.54 10.07 -11.11
CA GLY B 129 -4.59 10.59 -10.14
C GLY B 129 -4.35 9.54 -9.06
N GLU B 130 -3.59 9.94 -8.04
CA GLU B 130 -3.22 8.99 -6.97
C GLU B 130 -3.05 9.72 -5.66
N VAL B 131 -3.36 9.02 -4.58
CA VAL B 131 -3.08 9.50 -3.24
C VAL B 131 -1.57 9.54 -3.01
N ILE B 132 -1.07 10.70 -2.55
CA ILE B 132 0.34 10.84 -2.17
C ILE B 132 0.54 11.10 -0.68
N GLU B 133 -0.51 11.50 0.03
CA GLU B 133 -0.47 11.57 1.51
C GLU B 133 -1.85 11.18 2.02
N GLY B 134 -1.89 10.55 3.19
CA GLY B 134 -3.16 10.20 3.80
C GLY B 134 -3.73 8.84 3.40
N LEU B 135 -2.90 7.95 2.85
CA LEU B 135 -3.47 6.63 2.53
C LEU B 135 -3.94 5.94 3.83
N ASP B 136 -3.32 6.31 4.97
CA ASP B 136 -3.84 5.83 6.26
C ASP B 136 -5.31 6.24 6.53
N ILE B 137 -5.65 7.46 6.15
CA ILE B 137 -7.03 7.92 6.28
C ILE B 137 -7.94 7.14 5.36
N VAL B 138 -7.49 6.92 4.11
CA VAL B 138 -8.23 6.05 3.17
C VAL B 138 -8.53 4.69 3.82
N ARG B 139 -7.54 4.09 4.47
CA ARG B 139 -7.75 2.78 5.11
C ARG B 139 -8.67 2.88 6.30
N LYS B 140 -8.60 3.99 7.04
CA LYS B 140 -9.50 4.13 8.19
C LYS B 140 -10.96 4.20 7.71
N VAL B 141 -11.17 4.96 6.64
CA VAL B 141 -12.50 5.11 6.05
C VAL B 141 -12.95 3.74 5.51
N GLU B 142 -12.04 3.03 4.84
CA GLU B 142 -12.36 1.73 4.28
C GLU B 142 -12.99 0.84 5.34
N GLY B 143 -12.42 0.85 6.54
CA GLY B 143 -12.89 -0.04 7.60
C GLY B 143 -14.27 0.35 8.13
N LYS B 144 -14.79 1.51 7.73
CA LYS B 144 -16.13 1.94 8.10
C LYS B 144 -17.14 1.41 7.09
N GLY B 145 -16.65 0.81 6.01
CA GLY B 145 -17.55 0.29 4.97
C GLY B 145 -18.04 -1.12 5.25
N SER B 146 -18.65 -1.73 4.24
CA SER B 146 -19.16 -3.10 4.35
C SER B 146 -19.29 -3.67 2.94
N ALA B 147 -19.56 -4.97 2.84
CA ALA B 147 -19.71 -5.60 1.53
C ALA B 147 -20.80 -4.97 0.68
N SER B 148 -21.87 -4.51 1.30
CA SER B 148 -22.96 -3.85 0.59
C SER B 148 -22.62 -2.43 0.18
N GLY B 149 -21.55 -1.88 0.73
CA GLY B 149 -21.18 -0.49 0.47
C GLY B 149 -21.64 0.47 1.57
N LYS B 150 -22.55 -0.03 2.42
CA LYS B 150 -23.13 0.83 3.44
C LYS B 150 -22.06 1.19 4.46
N THR B 151 -21.98 2.47 4.84
CA THR B 151 -21.00 2.88 5.82
C THR B 151 -21.62 2.89 7.20
N ASN B 152 -20.81 2.68 8.24
CA ASN B 152 -21.33 2.59 9.60
C ASN B 152 -21.02 3.86 10.38
N ALA B 153 -20.54 4.87 9.65
CA ALA B 153 -20.32 6.22 10.20
C ALA B 153 -20.39 7.20 9.03
N THR B 154 -20.59 8.48 9.32
CA THR B 154 -20.68 9.46 8.25
C THR B 154 -19.26 9.95 7.91
N ILE B 155 -18.84 9.71 6.67
CA ILE B 155 -17.51 10.11 6.21
C ILE B 155 -17.68 11.36 5.35
N LYS B 156 -17.21 12.51 5.84
CA LYS B 156 -17.47 13.77 5.16
C LYS B 156 -16.20 14.44 4.74
N ILE B 157 -16.23 15.05 3.55
CA ILE B 157 -15.17 15.97 3.14
C ILE B 157 -15.51 17.35 3.71
N THR B 158 -14.82 17.73 4.78
CA THR B 158 -15.09 19.00 5.49
C THR B 158 -14.50 20.24 4.80
N ASP B 159 -13.41 20.03 4.07
CA ASP B 159 -12.80 21.11 3.31
C ASP B 159 -12.01 20.45 2.20
N CYS B 160 -11.75 21.20 1.12
CA CYS B 160 -11.04 20.63 -0.01
C CYS B 160 -10.62 21.79 -0.92
N GLY B 161 -9.65 21.51 -1.79
CA GLY B 161 -9.11 22.56 -2.65
C GLY B 161 -7.72 22.15 -3.12
N THR B 162 -6.93 23.13 -3.57
CA THR B 162 -5.57 22.89 -3.97
C THR B 162 -4.62 23.19 -2.80
N VAL B 163 -3.50 22.47 -2.77
CA VAL B 163 -2.47 22.76 -1.80
C VAL B 163 -1.72 24.01 -2.28
N VAL C 9 27.48 -0.60 6.09
CA VAL C 9 26.29 0.17 5.86
C VAL C 9 26.67 1.26 4.96
N ALA C 11 26.02 5.20 2.51
CA ALA C 11 25.23 6.35 2.39
C ALA C 11 24.20 6.13 1.36
N VAL D 9 -26.55 -0.05 -9.63
CA VAL D 9 -25.48 -0.69 -8.92
C VAL D 9 -25.45 -2.03 -9.47
N ALA D 11 -23.99 -6.47 -9.78
CA ALA D 11 -23.37 -7.49 -9.05
C ALA D 11 -21.94 -7.49 -9.36
#